data_2X77
#
_entry.id   2X77
#
_cell.length_a   35.286
_cell.length_b   78.944
_cell.length_c   58.034
_cell.angle_alpha   90.00
_cell.angle_beta   93.10
_cell.angle_gamma   90.00
#
_symmetry.space_group_name_H-M   'P 1 21 1'
#
loop_
_entity.id
_entity.type
_entity.pdbx_description
1 polymer 'ADP-RIBOSYLATION FACTOR'
2 non-polymer "GUANOSINE-5'-DIPHOSPHATE"
3 non-polymer 'MAGNESIUM ION'
4 water water
#
_entity_poly.entity_id   1
_entity_poly.type   'polypeptide(L)'
_entity_poly.pdbx_seq_one_letter_code
;GHMGAWLASLKQTLGLLPADRKIRVLMLGLDNAGKTSILYRLHLGDVVTTVPTVGVNLETLQYKNISFEVWDLGGQTGVR
PYWRCYFSDTDAVIYVVDSTDRDRMGVAKHELYALLDEDELRKSLLLIFANKQDLPDAASEAEIAEQLGVSSIMNRTWTI
VKSSSKTGDGLVEGMDWLVERLREQGLGA
;
_entity_poly.pdbx_strand_id   A,B
#
# COMPACT_ATOMS: atom_id res chain seq x y z
N TRP A 6 -19.53 29.98 8.96
CA TRP A 6 -19.68 29.49 7.55
C TRP A 6 -21.04 28.81 7.35
N LEU A 7 -21.72 29.20 6.26
CA LEU A 7 -23.13 28.86 6.05
C LEU A 7 -23.49 27.37 6.26
N ALA A 8 -23.11 26.52 5.31
CA ALA A 8 -23.56 25.12 5.31
C ALA A 8 -22.95 24.27 6.43
N SER A 9 -23.60 23.16 6.75
CA SER A 9 -23.00 22.15 7.57
C SER A 9 -22.05 21.35 6.68
N LEU A 10 -21.22 20.55 7.34
CA LEU A 10 -20.19 19.76 6.67
C LEU A 10 -20.78 18.72 5.72
N LYS A 11 -21.73 17.93 6.22
CA LYS A 11 -22.43 16.96 5.39
C LYS A 11 -23.01 17.58 4.13
N GLN A 12 -23.57 18.79 4.26
CA GLN A 12 -24.16 19.51 3.13
C GLN A 12 -23.06 19.85 2.14
N THR A 13 -21.98 20.40 2.65
CA THR A 13 -20.80 20.65 1.84
C THR A 13 -20.34 19.40 1.08
N LEU A 14 -20.13 18.30 1.80
CA LEU A 14 -19.64 17.04 1.21
C LEU A 14 -20.60 16.32 0.27
N GLY A 15 -21.90 16.39 0.55
CA GLY A 15 -22.95 15.94 -0.39
C GLY A 15 -22.90 16.58 -1.77
N LEU A 16 -22.43 17.81 -1.87
CA LEU A 16 -22.23 18.48 -3.17
C LEU A 16 -21.27 17.76 -4.13
N LEU A 17 -20.54 16.78 -3.63
CA LEU A 17 -19.51 16.13 -4.45
C LEU A 17 -20.17 15.13 -5.43
N PRO A 18 -19.69 15.04 -6.69
CA PRO A 18 -20.28 14.04 -7.60
C PRO A 18 -20.13 12.62 -7.06
N ALA A 19 -21.28 12.02 -6.69
CA ALA A 19 -21.36 10.72 -5.98
C ALA A 19 -20.66 9.56 -6.68
N ASP A 20 -20.69 9.56 -8.02
CA ASP A 20 -20.01 8.50 -8.78
C ASP A 20 -18.51 8.83 -9.04
N ARG A 21 -17.97 9.81 -8.30
CA ARG A 21 -16.54 10.13 -8.37
C ARG A 21 -15.95 9.94 -6.99
N LYS A 22 -15.16 8.88 -6.86
CA LYS A 22 -14.45 8.59 -5.63
C LYS A 22 -13.25 9.49 -5.41
N ILE A 23 -13.27 10.12 -4.25
CA ILE A 23 -12.26 11.13 -3.91
C ILE A 23 -11.33 10.62 -2.82
N ARG A 24 -10.03 10.68 -3.14
CA ARG A 24 -8.95 10.29 -2.23
C ARG A 24 -8.23 11.53 -1.71
N VAL A 25 -8.33 11.79 -0.42
CA VAL A 25 -7.58 12.92 0.16
C VAL A 25 -6.47 12.47 1.13
N LEU A 26 -5.30 13.12 1.09
CA LEU A 26 -4.28 12.79 2.06
C LEU A 26 -4.12 13.93 2.99
N MET A 27 -4.26 13.68 4.29
CA MET A 27 -4.13 14.76 5.25
C MET A 27 -2.91 14.49 6.09
N LEU A 28 -1.89 15.34 5.89
CA LEU A 28 -0.53 15.00 6.24
C LEU A 28 0.09 16.24 6.88
N GLY A 29 1.24 16.02 7.49
CA GLY A 29 2.01 17.06 8.19
C GLY A 29 2.75 16.46 9.36
N LEU A 30 3.39 17.29 10.16
CA LEU A 30 4.19 16.83 11.29
C LEU A 30 3.29 16.31 12.38
N ASP A 31 3.83 15.38 13.18
CA ASP A 31 3.13 14.99 14.40
C ASP A 31 2.75 16.25 15.10
N ASN A 32 1.65 16.15 15.84
CA ASN A 32 1.19 17.19 16.74
C ASN A 32 0.66 18.37 15.97
N ALA A 33 0.32 18.20 14.67
CA ALA A 33 -0.30 19.34 13.93
C ALA A 33 -1.81 19.46 14.17
N GLY A 34 -2.43 18.31 14.51
CA GLY A 34 -3.83 18.21 14.91
C GLY A 34 -4.56 17.34 13.89
N LYS A 35 -3.82 16.48 13.22
CA LYS A 35 -4.43 15.74 12.09
C LYS A 35 -5.54 14.81 12.55
N THR A 36 -5.20 13.91 13.44
CA THR A 36 -6.15 13.03 14.08
C THR A 36 -7.36 13.78 14.63
N SER A 37 -7.11 14.87 15.32
CA SER A 37 -8.21 15.64 15.90
C SER A 37 -9.15 16.21 14.86
N ILE A 38 -8.64 16.60 13.69
CA ILE A 38 -9.48 17.06 12.63
C ILE A 38 -10.43 15.94 12.15
N LEU A 39 -9.91 14.71 12.04
CA LEU A 39 -10.73 13.58 11.56
C LEU A 39 -11.91 13.31 12.50
N TYR A 40 -11.72 13.55 13.79
CA TYR A 40 -12.77 13.37 14.79
C TYR A 40 -13.66 14.61 14.78
N ARG A 41 -13.04 15.78 14.65
CA ARG A 41 -13.79 17.02 14.63
C ARG A 41 -14.78 17.13 13.44
N LEU A 42 -14.51 16.37 12.38
CA LEU A 42 -15.40 16.31 11.24
C LEU A 42 -16.74 15.58 11.51
N HIS A 43 -16.83 14.86 12.64
CA HIS A 43 -18.08 14.16 12.98
CA HIS A 43 -18.02 14.04 12.99
C HIS A 43 -18.70 13.42 11.77
N LEU A 44 -17.90 12.61 11.10
CA LEU A 44 -18.27 11.90 9.89
C LEU A 44 -18.30 10.39 10.11
N GLY A 45 -17.97 9.94 11.32
CA GLY A 45 -17.95 8.50 11.62
C GLY A 45 -16.63 7.97 12.15
N ASP A 46 -16.45 6.65 12.04
CA ASP A 46 -15.27 5.96 12.57
C ASP A 46 -13.96 6.31 11.87
N VAL A 47 -12.96 6.60 12.68
CA VAL A 47 -11.55 6.65 12.31
C VAL A 47 -10.99 5.23 12.43
N VAL A 48 -10.51 4.67 11.33
CA VAL A 48 -9.99 3.31 11.33
C VAL A 48 -8.46 3.32 11.23
N THR A 49 -7.80 2.71 12.23
CA THR A 49 -6.35 2.51 12.19
C THR A 49 -5.93 1.19 11.51
N THR A 50 -4.95 1.29 10.60
CA THR A 50 -4.26 0.13 10.05
C THR A 50 -2.76 0.42 9.98
N VAL A 51 -2.00 -0.60 9.60
CA VAL A 51 -0.54 -0.53 9.56
C VAL A 51 -0.17 -1.04 8.16
N PRO A 52 -0.04 -0.13 7.18
CA PRO A 52 0.21 -0.63 5.83
C PRO A 52 1.67 -1.05 5.64
N THR A 53 2.53 -0.73 6.60
CA THR A 53 3.97 -1.03 6.60
C THR A 53 4.43 -0.98 8.04
N VAL A 54 5.45 -1.75 8.37
CA VAL A 54 6.06 -1.69 9.69
C VAL A 54 6.38 -0.23 10.10
N GLY A 55 5.93 0.14 11.29
CA GLY A 55 6.27 1.44 11.86
C GLY A 55 5.48 2.63 11.34
N VAL A 56 4.33 2.38 10.72
CA VAL A 56 3.45 3.47 10.26
C VAL A 56 2.02 3.24 10.78
N ASN A 57 1.51 4.23 11.51
CA ASN A 57 0.12 4.27 11.97
C ASN A 57 -0.66 5.16 10.95
N LEU A 58 -1.47 4.50 10.11
CA LEU A 58 -2.35 5.13 9.11
C LEU A 58 -3.78 5.20 9.62
N GLU A 59 -4.31 6.41 9.68
CA GLU A 59 -5.70 6.59 10.06
C GLU A 59 -6.48 6.92 8.79
N THR A 60 -7.65 6.30 8.67
CA THR A 60 -8.54 6.49 7.55
C THR A 60 -9.98 6.71 8.03
N LEU A 61 -10.63 7.71 7.45
CA LEU A 61 -12.02 8.04 7.68
C LEU A 61 -12.64 8.05 6.30
N GLN A 62 -13.59 7.15 6.07
CA GLN A 62 -14.22 7.05 4.76
C GLN A 62 -15.65 7.56 4.88
N TYR A 63 -16.02 8.58 4.11
CA TYR A 63 -17.42 9.05 4.12
C TYR A 63 -18.00 9.21 2.72
N LYS A 64 -18.88 8.30 2.35
CA LYS A 64 -19.43 8.22 1.00
C LYS A 64 -18.36 8.00 -0.08
N ASN A 65 -18.28 8.86 -1.09
CA ASN A 65 -17.28 8.68 -2.13
C ASN A 65 -15.90 9.19 -1.69
N ILE A 66 -15.86 9.83 -0.52
CA ILE A 66 -14.67 10.56 -0.07
C ILE A 66 -13.85 9.93 1.07
N SER A 67 -12.56 9.78 0.82
CA SER A 67 -11.69 9.11 1.75
C SER A 67 -10.61 10.04 2.23
N PHE A 68 -10.37 10.11 3.55
CA PHE A 68 -9.25 10.86 4.16
C PHE A 68 -8.17 9.95 4.78
N GLU A 69 -6.92 10.11 4.36
CA GLU A 69 -5.82 9.32 4.93
C GLU A 69 -4.83 10.19 5.70
N VAL A 70 -4.49 9.74 6.91
CA VAL A 70 -3.62 10.50 7.81
C VAL A 70 -2.43 9.69 8.30
N TRP A 71 -1.23 10.23 8.11
CA TRP A 71 -0.04 9.74 8.78
C TRP A 71 0.91 10.89 8.96
N ASP A 72 1.86 10.70 9.88
CA ASP A 72 2.72 11.75 10.34
C ASP A 72 4.00 11.81 9.52
N LEU A 73 4.49 13.01 9.27
CA LEU A 73 5.67 13.25 8.43
C LEU A 73 6.73 13.84 9.32
N GLY A 74 7.98 13.72 8.88
CA GLY A 74 9.07 14.48 9.51
C GLY A 74 9.50 13.85 10.81
N GLY A 75 9.39 12.53 10.89
CA GLY A 75 10.03 11.80 12.00
C GLY A 75 11.51 12.18 12.10
N GLN A 76 11.91 12.50 13.32
CA GLN A 76 13.31 12.61 13.66
C GLN A 76 14.09 11.29 13.49
N THR A 77 13.36 10.18 13.57
CA THR A 77 13.91 8.86 13.34
C THR A 77 13.08 8.20 12.25
N GLY A 78 13.72 7.30 11.51
CA GLY A 78 13.05 6.54 10.47
C GLY A 78 13.23 7.23 9.14
N VAL A 79 13.13 6.45 8.07
CA VAL A 79 12.99 7.09 6.76
C VAL A 79 11.54 7.60 6.71
N ARG A 80 11.27 8.61 5.88
CA ARG A 80 9.92 9.00 5.53
C ARG A 80 9.07 7.73 5.41
N PRO A 81 7.86 7.71 6.04
CA PRO A 81 7.01 6.54 5.88
C PRO A 81 6.69 6.35 4.40
N TYR A 82 6.82 5.11 3.97
CA TYR A 82 6.58 4.74 2.60
C TYR A 82 5.83 3.40 2.58
N TRP A 83 4.96 3.26 1.57
CA TRP A 83 4.45 1.96 1.09
C TRP A 83 3.95 2.06 -0.34
N ARG A 84 3.84 0.91 -1.02
CA ARG A 84 3.56 0.85 -2.44
C ARG A 84 2.27 1.53 -2.74
N CYS A 85 2.26 2.19 -3.89
CA CYS A 85 1.14 2.98 -4.36
C CYS A 85 1.21 4.28 -3.58
N TYR A 86 0.78 4.15 -2.31
CA TYR A 86 0.36 5.17 -1.34
C TYR A 86 0.06 6.63 -1.75
N PHE A 87 0.59 7.08 -2.89
CA PHE A 87 0.25 8.39 -3.46
C PHE A 87 -0.61 8.29 -4.74
N SER A 88 -0.91 7.08 -5.19
CA SER A 88 -1.57 6.95 -6.49
C SER A 88 -3.05 7.44 -6.38
N ASP A 89 -3.48 8.16 -7.41
CA ASP A 89 -4.86 8.67 -7.55
C ASP A 89 -5.33 9.54 -6.35
N THR A 90 -4.42 10.41 -5.92
CA THR A 90 -4.68 11.41 -4.89
C THR A 90 -5.37 12.59 -5.55
N ASP A 91 -6.58 12.90 -5.10
CA ASP A 91 -7.24 14.12 -5.57
C ASP A 91 -6.74 15.41 -4.85
N ALA A 92 -6.53 15.32 -3.54
CA ALA A 92 -6.03 16.49 -2.81
C ALA A 92 -5.10 16.10 -1.73
N VAL A 93 -4.27 17.06 -1.33
CA VAL A 93 -3.50 16.99 -0.12
C VAL A 93 -3.95 18.17 0.75
N ILE A 94 -4.21 17.89 2.02
CA ILE A 94 -4.47 18.88 3.06
C ILE A 94 -3.25 18.78 3.92
N TYR A 95 -2.48 19.87 3.98
CA TYR A 95 -1.27 19.87 4.72
C TYR A 95 -1.56 20.63 5.98
N VAL A 96 -1.41 19.97 7.12
CA VAL A 96 -1.80 20.63 8.40
C VAL A 96 -0.57 21.08 9.19
N VAL A 97 -0.61 22.32 9.64
CA VAL A 97 0.49 22.84 10.41
CA VAL A 97 0.48 22.89 10.40
C VAL A 97 -0.03 23.34 11.77
N ASP A 98 0.79 23.20 12.82
CA ASP A 98 0.35 23.69 14.11
C ASP A 98 0.85 25.14 14.19
N SER A 99 -0.09 26.07 14.16
CA SER A 99 0.23 27.47 13.93
C SER A 99 1.00 28.10 15.10
N THR A 100 1.13 27.34 16.21
CA THR A 100 1.93 27.76 17.37
C THR A 100 3.39 27.25 17.33
N ASP A 101 3.64 26.21 16.55
CA ASP A 101 4.99 25.61 16.49
C ASP A 101 5.92 26.24 15.45
N ARG A 102 6.38 27.44 15.78
CA ARG A 102 7.25 28.24 14.95
C ARG A 102 8.61 27.53 14.86
N ASP A 103 9.05 26.98 15.99
CA ASP A 103 10.26 26.16 16.13
C ASP A 103 10.33 25.06 15.06
N ARG A 104 9.19 24.46 14.72
CA ARG A 104 9.24 23.32 13.82
C ARG A 104 8.73 23.68 12.44
N MET A 105 8.56 24.96 12.21
CA MET A 105 7.86 25.39 10.99
C MET A 105 8.76 25.15 9.74
N GLY A 106 10.09 25.27 9.89
CA GLY A 106 11.04 25.02 8.80
C GLY A 106 11.05 23.56 8.39
N VAL A 107 10.85 22.66 9.37
CA VAL A 107 10.76 21.21 9.08
C VAL A 107 9.45 20.92 8.39
N ALA A 108 8.37 21.57 8.85
CA ALA A 108 7.07 21.46 8.20
C ALA A 108 7.16 21.91 6.72
N LYS A 109 7.84 23.01 6.44
CA LYS A 109 8.14 23.44 5.06
C LYS A 109 8.90 22.33 4.34
N HIS A 110 10.00 21.87 4.98
CA HIS A 110 10.79 20.84 4.36
C HIS A 110 9.90 19.65 3.96
N GLU A 111 9.03 19.19 4.85
CA GLU A 111 8.18 18.03 4.46
C GLU A 111 7.09 18.38 3.41
N LEU A 112 6.55 19.60 3.46
CA LEU A 112 5.63 20.10 2.40
C LEU A 112 6.34 20.02 1.08
N TYR A 113 7.53 20.59 1.03
CA TYR A 113 8.31 20.59 -0.18
C TYR A 113 8.64 19.21 -0.69
N ALA A 114 8.72 18.21 0.18
CA ALA A 114 9.14 16.90 -0.26
C ALA A 114 7.92 16.10 -0.76
N LEU A 115 6.74 16.47 -0.29
CA LEU A 115 5.50 16.02 -0.94
C LEU A 115 5.32 16.62 -2.36
N LEU A 116 5.62 17.89 -2.52
CA LEU A 116 5.27 18.61 -3.76
C LEU A 116 6.13 18.21 -4.96
N ASP A 117 7.23 17.53 -4.71
CA ASP A 117 8.08 17.07 -5.80
C ASP A 117 7.71 15.67 -6.32
N GLU A 118 6.55 15.14 -5.90
CA GLU A 118 6.04 13.87 -6.40
C GLU A 118 5.08 14.14 -7.55
N ASP A 119 5.31 13.44 -8.67
CA ASP A 119 4.39 13.47 -9.82
C ASP A 119 3.08 12.77 -9.42
N GLU A 120 3.13 11.61 -8.76
CA GLU A 120 1.88 11.03 -8.22
C GLU A 120 1.01 12.13 -7.60
N LEU A 121 1.64 13.26 -7.22
CA LEU A 121 1.00 14.41 -6.56
C LEU A 121 1.17 15.67 -7.40
N ARG A 122 1.43 15.47 -8.71
CA ARG A 122 1.45 16.52 -9.72
C ARG A 122 0.34 17.55 -9.53
N LYS A 123 -0.84 17.17 -9.98
CA LYS A 123 -1.99 18.05 -9.98
C LYS A 123 -2.93 17.66 -8.85
N SER A 124 -2.40 17.53 -7.61
CA SER A 124 -3.30 17.52 -6.48
C SER A 124 -3.66 18.93 -6.13
N LEU A 125 -4.90 19.09 -5.70
CA LEU A 125 -5.29 20.28 -4.95
C LEU A 125 -4.52 20.31 -3.64
N LEU A 126 -4.13 21.50 -3.21
CA LEU A 126 -3.43 21.65 -1.97
C LEU A 126 -4.15 22.62 -1.05
N LEU A 127 -4.71 22.08 0.01
CA LEU A 127 -5.30 22.85 1.09
C LEU A 127 -4.34 22.89 2.29
N ILE A 128 -3.93 24.10 2.70
CA ILE A 128 -3.09 24.24 3.90
C ILE A 128 -3.96 24.72 5.06
N PHE A 129 -4.02 23.93 6.13
CA PHE A 129 -4.77 24.30 7.33
C PHE A 129 -3.77 24.86 8.32
N ALA A 130 -3.84 26.18 8.54
CA ALA A 130 -3.02 26.85 9.54
C ALA A 130 -3.81 26.56 10.82
N ASN A 131 -3.42 25.49 11.51
CA ASN A 131 -4.26 24.85 12.50
C ASN A 131 -4.03 25.35 13.90
N LYS A 132 -4.91 24.96 14.84
CA LYS A 132 -4.91 25.41 16.24
C LYS A 132 -5.02 26.92 16.43
N GLN A 133 -5.90 27.59 15.67
CA GLN A 133 -5.97 29.07 15.73
C GLN A 133 -6.70 29.54 16.98
N ASP A 134 -7.33 28.61 17.68
CA ASP A 134 -7.98 28.90 18.97
C ASP A 134 -6.99 29.41 20.03
N LEU A 135 -5.70 29.10 19.84
CA LEU A 135 -4.65 29.37 20.82
C LEU A 135 -4.03 30.73 20.55
N PRO A 136 -3.97 31.59 21.59
CA PRO A 136 -3.72 33.02 21.34
C PRO A 136 -2.38 33.30 20.69
N ASP A 137 -1.44 32.36 20.81
CA ASP A 137 -0.10 32.50 20.23
C ASP A 137 0.00 31.99 18.79
N ALA A 138 -1.14 31.78 18.14
CA ALA A 138 -1.17 31.23 16.79
C ALA A 138 -0.68 32.24 15.77
N ALA A 139 0.26 31.82 14.93
CA ALA A 139 0.80 32.68 13.90
C ALA A 139 -0.24 33.07 12.84
N SER A 140 -0.07 34.26 12.30
CA SER A 140 -0.96 34.78 11.27
C SER A 140 -0.96 33.94 10.01
N GLU A 141 -2.00 34.11 9.21
CA GLU A 141 -2.17 33.39 7.97
C GLU A 141 -1.06 33.73 6.95
N ALA A 142 -0.69 35.01 6.93
CA ALA A 142 0.39 35.51 6.07
C ALA A 142 1.75 35.18 6.67
N GLU A 143 1.82 35.07 7.99
CA GLU A 143 3.02 34.61 8.72
C GLU A 143 3.38 33.14 8.41
N ILE A 144 2.35 32.29 8.36
CA ILE A 144 2.45 30.88 7.97
C ILE A 144 2.91 30.80 6.52
N ALA A 145 2.23 31.51 5.64
CA ALA A 145 2.57 31.52 4.22
C ALA A 145 4.07 31.73 4.01
N GLU A 146 4.59 32.76 4.65
CA GLU A 146 6.00 33.09 4.69
C GLU A 146 6.90 31.94 5.25
N GLN A 147 6.51 31.34 6.37
CA GLN A 147 7.33 30.27 6.99
C GLN A 147 7.26 28.91 6.28
N LEU A 148 6.15 28.62 5.60
CA LEU A 148 6.09 27.47 4.68
C LEU A 148 6.62 27.76 3.27
N GLY A 149 7.15 28.96 3.07
CA GLY A 149 7.64 29.42 1.75
C GLY A 149 6.64 29.07 0.67
N VAL A 150 5.38 29.39 0.94
CA VAL A 150 4.34 29.13 -0.03
C VAL A 150 4.52 29.94 -1.37
N SER A 151 5.26 31.05 -1.35
CA SER A 151 5.42 31.80 -2.61
C SER A 151 6.19 31.00 -3.67
N SER A 152 6.92 29.97 -3.27
CA SER A 152 7.65 29.10 -4.21
C SER A 152 6.84 27.91 -4.67
N ILE A 153 5.62 27.75 -4.16
CA ILE A 153 4.76 26.65 -4.62
C ILE A 153 4.31 26.83 -6.07
N MET A 154 4.23 25.73 -6.81
CA MET A 154 4.09 25.83 -8.27
C MET A 154 2.96 24.99 -8.74
N ASN A 155 2.41 25.35 -9.89
CA ASN A 155 1.50 24.50 -10.64
C ASN A 155 0.41 23.82 -9.85
N ARG A 156 -0.04 24.48 -8.79
CA ARG A 156 -1.18 23.91 -8.15
C ARG A 156 -2.14 24.91 -7.59
N THR A 157 -3.40 24.49 -7.64
CA THR A 157 -4.48 25.18 -7.05
C THR A 157 -4.25 24.87 -5.58
N TRP A 158 -3.93 25.93 -4.84
CA TRP A 158 -3.69 25.88 -3.40
C TRP A 158 -4.25 27.13 -2.68
N THR A 159 -4.46 26.96 -1.37
CA THR A 159 -4.81 28.06 -0.48
C THR A 159 -4.47 27.68 0.99
N ILE A 160 -4.46 28.69 1.86
CA ILE A 160 -4.28 28.51 3.30
C ILE A 160 -5.58 28.98 3.98
N VAL A 161 -6.11 28.14 4.87
CA VAL A 161 -7.28 28.43 5.64
C VAL A 161 -6.92 28.26 7.10
N LYS A 162 -7.30 29.25 7.91
CA LYS A 162 -7.11 29.22 9.35
C LYS A 162 -8.11 28.22 9.93
N SER A 163 -7.68 27.39 10.86
CA SER A 163 -8.56 26.32 11.37
C SER A 163 -8.27 25.95 12.81
N SER A 164 -9.22 25.27 13.43
CA SER A 164 -9.09 24.76 14.79
C SER A 164 -10.01 23.56 15.01
N SER A 165 -9.46 22.53 15.65
CA SER A 165 -10.29 21.43 16.12
C SER A 165 -10.96 21.68 17.43
N LYS A 166 -10.42 22.58 18.23
CA LYS A 166 -11.04 22.83 19.51
C LYS A 166 -12.38 23.47 19.23
N THR A 167 -12.39 24.54 18.43
CA THR A 167 -13.64 25.22 18.05
C THR A 167 -14.35 24.72 16.77
N GLY A 168 -13.71 23.86 15.99
CA GLY A 168 -14.28 23.42 14.70
C GLY A 168 -14.24 24.47 13.57
N ASP A 169 -13.81 25.69 13.87
CA ASP A 169 -13.75 26.79 12.88
C ASP A 169 -12.81 26.56 11.70
N GLY A 170 -13.22 27.01 10.50
CA GLY A 170 -12.41 27.00 9.26
C GLY A 170 -12.46 25.66 8.53
N LEU A 171 -12.89 24.62 9.24
CA LEU A 171 -12.89 23.29 8.65
C LEU A 171 -13.86 23.18 7.50
N VAL A 172 -15.10 23.65 7.70
CA VAL A 172 -16.11 23.64 6.62
C VAL A 172 -15.61 24.55 5.50
N GLU A 173 -15.06 25.71 5.85
CA GLU A 173 -14.46 26.53 4.81
C GLU A 173 -13.47 25.76 3.92
N GLY A 174 -12.60 24.99 4.57
CA GLY A 174 -11.64 24.19 3.87
C GLY A 174 -12.24 23.08 3.05
N MET A 175 -13.12 22.30 3.64
CA MET A 175 -13.71 21.24 2.87
C MET A 175 -14.42 21.84 1.69
N ASP A 176 -15.08 23.00 1.88
CA ASP A 176 -15.84 23.63 0.80
C ASP A 176 -14.92 24.12 -0.31
N TRP A 177 -13.79 24.69 0.06
CA TRP A 177 -12.79 25.06 -0.93
C TRP A 177 -12.44 23.85 -1.83
N LEU A 178 -11.94 22.79 -1.20
CA LEU A 178 -11.66 21.52 -1.90
C LEU A 178 -12.81 21.08 -2.79
N VAL A 179 -14.00 21.04 -2.19
CA VAL A 179 -15.19 20.46 -2.88
C VAL A 179 -15.50 21.13 -4.23
N GLU A 180 -15.36 22.45 -4.25
CA GLU A 180 -15.69 23.27 -5.40
C GLU A 180 -14.55 23.32 -6.39
N ARG A 181 -13.34 23.17 -5.89
CA ARG A 181 -12.16 23.08 -6.73
C ARG A 181 -12.16 21.75 -7.48
N LEU A 182 -12.60 20.71 -6.79
CA LEU A 182 -12.75 19.43 -7.47
C LEU A 182 -13.68 19.60 -8.68
N ARG A 183 -14.88 20.10 -8.42
CA ARG A 183 -15.91 20.31 -9.46
C ARG A 183 -15.45 21.25 -10.58
N GLU A 184 -14.66 22.26 -10.26
CA GLU A 184 -14.07 23.17 -11.26
C GLU A 184 -13.23 22.44 -12.33
N GLN A 185 -12.87 21.19 -12.03
CA GLN A 185 -12.13 20.33 -12.95
C GLN A 185 -13.04 19.74 -14.03
N GLY A 186 -14.35 19.98 -13.91
CA GLY A 186 -15.34 19.52 -14.89
C GLY A 186 -15.37 18.01 -15.08
N ALA B 5 12.57 -35.18 4.02
CA ALA B 5 13.16 -35.60 2.70
C ALA B 5 14.27 -34.65 2.17
N TRP B 6 13.94 -33.40 1.83
CA TRP B 6 14.95 -32.44 1.29
C TRP B 6 16.20 -32.37 2.22
N LEU B 7 17.40 -32.22 1.63
CA LEU B 7 18.66 -32.33 2.39
C LEU B 7 18.95 -31.21 3.39
N ALA B 8 18.16 -30.12 3.36
CA ALA B 8 18.32 -29.04 4.32
C ALA B 8 16.96 -28.58 4.81
N SER B 9 16.92 -27.96 5.99
CA SER B 9 15.65 -27.40 6.45
C SER B 9 15.32 -26.14 5.59
N LEU B 10 14.15 -25.56 5.81
CA LEU B 10 13.76 -24.29 5.16
C LEU B 10 14.58 -23.11 5.69
N LYS B 11 14.82 -23.09 6.99
CA LYS B 11 15.57 -21.98 7.58
C LYS B 11 17.04 -22.03 7.11
N GLN B 12 17.65 -23.21 6.99
CA GLN B 12 19.00 -23.27 6.39
C GLN B 12 18.96 -22.71 4.96
N THR B 13 18.00 -23.21 4.18
CA THR B 13 17.78 -22.80 2.79
C THR B 13 17.70 -21.25 2.67
N LEU B 14 16.71 -20.67 3.33
CA LEU B 14 16.53 -19.22 3.32
C LEU B 14 17.72 -18.53 4.00
N GLY B 15 18.41 -19.29 4.86
CA GLY B 15 19.64 -18.84 5.49
C GLY B 15 20.66 -18.35 4.49
N LEU B 16 20.58 -18.87 3.25
CA LEU B 16 21.59 -18.66 2.21
C LEU B 16 21.48 -17.33 1.49
N LEU B 17 20.30 -16.71 1.54
CA LEU B 17 20.07 -15.41 0.95
C LEU B 17 20.92 -14.37 1.67
N PRO B 18 21.43 -13.38 0.91
CA PRO B 18 22.27 -12.35 1.53
C PRO B 18 21.53 -11.82 2.76
N ALA B 19 22.14 -12.03 3.93
CA ALA B 19 21.51 -11.80 5.25
C ALA B 19 20.79 -10.46 5.33
N ASP B 20 21.17 -9.57 4.42
CA ASP B 20 20.36 -8.41 4.11
C ASP B 20 20.46 -8.06 2.64
N ARG B 21 19.26 -8.03 2.04
CA ARG B 21 19.01 -7.69 0.65
CA ARG B 21 19.00 -7.67 0.66
C ARG B 21 17.53 -8.05 0.53
N LYS B 22 16.65 -7.09 0.87
CA LYS B 22 15.20 -7.33 1.01
C LYS B 22 14.58 -8.09 -0.16
N ILE B 23 13.94 -9.21 0.17
CA ILE B 23 13.29 -10.06 -0.82
C ILE B 23 11.76 -9.97 -0.70
N ARG B 24 11.13 -9.60 -1.81
CA ARG B 24 9.69 -9.53 -1.88
C ARG B 24 9.09 -10.62 -2.80
N VAL B 25 8.36 -11.55 -2.20
CA VAL B 25 7.75 -12.67 -2.93
C VAL B 25 6.23 -12.61 -2.85
N LEU B 26 5.59 -12.57 -4.03
CA LEU B 26 4.14 -12.62 -4.11
C LEU B 26 3.70 -14.03 -4.37
N MET B 27 2.89 -14.56 -3.44
CA MET B 27 2.38 -15.91 -3.62
C MET B 27 0.88 -15.79 -3.86
N LEU B 28 0.49 -16.06 -5.10
CA LEU B 28 -0.79 -15.65 -5.65
C LEU B 28 -1.38 -16.91 -6.24
N GLY B 29 -2.69 -16.89 -6.46
CA GLY B 29 -3.35 -18.04 -7.15
C GLY B 29 -4.83 -17.86 -6.94
N LEU B 30 -5.67 -18.76 -7.45
CA LEU B 30 -7.09 -18.72 -7.16
C LEU B 30 -7.36 -19.09 -5.70
N ASP B 31 -8.49 -18.65 -5.15
CA ASP B 31 -8.91 -19.07 -3.80
C ASP B 31 -8.97 -20.60 -3.80
N ASN B 32 -8.74 -21.21 -2.65
CA ASN B 32 -8.73 -22.67 -2.53
C ASN B 32 -7.49 -23.37 -3.16
N ALA B 33 -6.51 -22.60 -3.59
CA ALA B 33 -5.29 -23.19 -4.16
C ALA B 33 -4.40 -23.74 -3.04
N GLY B 34 -4.42 -23.10 -1.88
CA GLY B 34 -3.82 -23.68 -0.69
C GLY B 34 -2.72 -22.78 -0.18
N LYS B 35 -2.83 -21.46 -0.44
CA LYS B 35 -1.76 -20.50 -0.21
C LYS B 35 -1.60 -20.14 1.27
N THR B 36 -2.72 -19.92 1.96
CA THR B 36 -2.71 -19.71 3.41
C THR B 36 -2.12 -20.91 4.12
N SER B 37 -2.41 -22.13 3.64
CA SER B 37 -1.85 -23.37 4.23
C SER B 37 -0.35 -23.50 4.07
N ILE B 38 0.18 -23.02 2.95
CA ILE B 38 1.63 -23.05 2.71
C ILE B 38 2.32 -22.02 3.62
N LEU B 39 1.80 -20.80 3.66
CA LEU B 39 2.31 -19.83 4.59
C LEU B 39 2.48 -20.47 5.98
N TYR B 40 1.39 -21.01 6.51
CA TYR B 40 1.43 -21.76 7.78
C TYR B 40 2.45 -22.95 7.78
N ARG B 41 2.41 -23.78 6.73
CA ARG B 41 3.30 -24.94 6.63
C ARG B 41 4.80 -24.58 6.61
N LEU B 42 5.12 -23.34 6.31
CA LEU B 42 6.52 -22.93 6.25
C LEU B 42 7.14 -22.80 7.64
N HIS B 43 6.30 -22.66 8.66
CA HIS B 43 6.76 -22.55 10.06
C HIS B 43 7.81 -21.47 10.21
N LEU B 44 7.56 -20.32 9.62
CA LEU B 44 8.51 -19.18 9.64
C LEU B 44 8.14 -18.00 10.54
N GLY B 45 6.97 -18.05 11.17
CA GLY B 45 6.49 -16.91 11.95
C GLY B 45 5.02 -16.81 11.70
N ASP B 46 4.33 -15.81 12.25
CA ASP B 46 2.90 -15.80 11.94
C ASP B 46 2.41 -14.91 10.82
N VAL B 47 1.27 -15.30 10.27
CA VAL B 47 0.63 -14.62 9.17
C VAL B 47 -0.17 -13.41 9.68
N VAL B 48 0.12 -12.24 9.09
CA VAL B 48 -0.64 -10.99 9.32
C VAL B 48 -1.69 -10.76 8.21
N THR B 49 -2.97 -10.78 8.58
CA THR B 49 -4.08 -10.40 7.67
C THR B 49 -4.26 -8.87 7.66
N THR B 50 -4.67 -8.34 6.50
CA THR B 50 -4.80 -6.90 6.25
C THR B 50 -5.73 -6.58 5.05
N ASN B 57 -8.68 -8.76 0.49
CA ASN B 57 -7.84 -8.92 1.66
C ASN B 57 -6.49 -9.66 1.47
N LEU B 58 -5.55 -9.38 2.38
CA LEU B 58 -4.14 -9.70 2.19
C LEU B 58 -3.44 -10.35 3.41
N GLU B 59 -2.64 -11.39 3.15
CA GLU B 59 -1.86 -12.07 4.19
C GLU B 59 -0.37 -11.85 3.91
N THR B 60 0.41 -11.57 4.94
CA THR B 60 1.84 -11.31 4.75
C THR B 60 2.59 -12.12 5.77
N LEU B 61 3.70 -12.72 5.34
CA LEU B 61 4.61 -13.39 6.24
C LEU B 61 6.03 -12.88 6.00
N GLN B 62 6.56 -12.24 7.04
CA GLN B 62 7.91 -11.68 7.02
C GLN B 62 8.86 -12.58 7.78
N TYR B 63 9.96 -12.93 7.12
CA TYR B 63 11.00 -13.71 7.75
C TYR B 63 12.36 -13.13 7.44
N LYS B 64 13.08 -12.71 8.47
CA LYS B 64 14.37 -12.06 8.27
C LYS B 64 14.19 -11.02 7.17
N ASN B 65 14.93 -11.15 6.09
CA ASN B 65 14.84 -10.19 4.99
C ASN B 65 13.71 -10.41 3.99
N ILE B 66 13.04 -11.55 4.10
CA ILE B 66 12.13 -12.00 3.05
CA ILE B 66 12.12 -12.02 3.07
C ILE B 66 10.68 -11.81 3.45
N SER B 67 9.93 -11.21 2.52
CA SER B 67 8.52 -10.94 2.65
C SER B 67 7.70 -11.84 1.70
N PHE B 68 6.60 -12.43 2.20
CA PHE B 68 5.64 -13.20 1.41
C PHE B 68 4.25 -12.55 1.43
N GLU B 69 3.74 -12.07 0.30
CA GLU B 69 2.40 -11.48 0.30
C GLU B 69 1.41 -12.28 -0.53
N VAL B 70 0.21 -12.52 0.00
CA VAL B 70 -0.75 -13.42 -0.63
C VAL B 70 -2.12 -12.74 -0.87
N TRP B 71 -2.64 -12.77 -2.09
CA TRP B 71 -4.09 -12.54 -2.23
C TRP B 71 -4.63 -13.53 -3.24
N ASP B 72 -5.96 -13.62 -3.34
CA ASP B 72 -6.60 -14.51 -4.28
C ASP B 72 -6.85 -13.73 -5.55
N LEU B 73 -6.82 -14.45 -6.65
CA LEU B 73 -6.99 -13.89 -7.96
C LEU B 73 -8.29 -14.43 -8.44
N GLY B 74 -8.88 -13.68 -9.37
CA GLY B 74 -10.12 -14.05 -10.05
C GLY B 74 -11.39 -14.05 -9.22
N GLY B 75 -11.40 -13.30 -8.11
CA GLY B 75 -12.62 -13.06 -7.34
C GLY B 75 -13.46 -11.93 -7.95
N CYS B 85 0.78 -1.51 -9.92
CA CYS B 85 1.22 -0.64 -8.83
C CYS B 85 1.82 -1.44 -7.67
N TYR B 86 1.00 -2.37 -7.16
CA TYR B 86 1.32 -3.18 -6.00
C TYR B 86 2.50 -4.11 -6.35
N PHE B 87 2.77 -4.22 -7.65
CA PHE B 87 3.76 -5.11 -8.26
C PHE B 87 5.20 -4.62 -8.31
N SER B 88 5.46 -3.37 -7.95
CA SER B 88 6.84 -2.86 -8.03
C SER B 88 7.77 -3.59 -7.07
N ASP B 89 9.01 -3.78 -7.53
CA ASP B 89 10.11 -4.31 -6.73
C ASP B 89 9.77 -5.67 -6.15
N THR B 90 9.21 -6.49 -7.03
CA THR B 90 8.90 -7.86 -6.70
C THR B 90 10.06 -8.74 -7.20
N ASP B 91 10.66 -9.54 -6.32
CA ASP B 91 11.75 -10.44 -6.77
C ASP B 91 11.25 -11.77 -7.30
N ALA B 92 10.07 -12.20 -6.89
CA ALA B 92 9.63 -13.50 -7.35
C ALA B 92 8.16 -13.62 -7.26
N VAL B 93 7.63 -14.43 -8.17
CA VAL B 93 6.26 -14.84 -8.05
C VAL B 93 6.19 -16.33 -7.79
N ILE B 94 5.52 -16.68 -6.69
CA ILE B 94 5.16 -18.05 -6.43
C ILE B 94 3.71 -18.21 -6.88
N TYR B 95 3.45 -19.05 -7.87
CA TYR B 95 2.10 -19.21 -8.33
C TYR B 95 1.52 -20.55 -7.88
N VAL B 96 0.47 -20.52 -7.10
CA VAL B 96 -0.01 -21.78 -6.49
C VAL B 96 -1.24 -22.27 -7.21
N VAL B 97 -1.25 -23.55 -7.62
CA VAL B 97 -2.45 -24.11 -8.22
C VAL B 97 -2.92 -25.40 -7.53
N ASP B 98 -4.23 -25.53 -7.42
CA ASP B 98 -4.76 -26.75 -6.90
C ASP B 98 -4.77 -27.72 -8.08
N SER B 99 -3.87 -28.72 -8.00
CA SER B 99 -3.62 -29.70 -9.06
C SER B 99 -4.75 -30.70 -9.22
N THR B 100 -5.75 -30.57 -8.37
CA THR B 100 -6.97 -31.40 -8.33
C THR B 100 -8.11 -30.69 -9.07
N ASP B 101 -8.02 -29.39 -9.14
CA ASP B 101 -9.16 -28.64 -9.57
C ASP B 101 -9.12 -28.40 -11.07
N ARG B 102 -9.46 -29.46 -11.79
CA ARG B 102 -9.52 -29.50 -13.24
C ARG B 102 -10.18 -28.29 -13.89
N ASP B 103 -11.41 -28.00 -13.48
CA ASP B 103 -12.16 -27.05 -14.30
C ASP B 103 -12.00 -25.60 -13.87
N ARG B 104 -11.24 -25.37 -12.81
CA ARG B 104 -10.84 -24.01 -12.46
C ARG B 104 -9.44 -23.67 -13.01
N MET B 105 -8.78 -24.66 -13.61
CA MET B 105 -7.35 -24.53 -13.99
C MET B 105 -7.12 -23.66 -15.24
N GLY B 106 -8.09 -23.64 -16.15
CA GLY B 106 -8.15 -22.66 -17.24
C GLY B 106 -8.24 -21.24 -16.73
N VAL B 107 -9.03 -21.01 -15.67
CA VAL B 107 -9.02 -19.70 -14.99
C VAL B 107 -7.67 -19.41 -14.29
N ALA B 108 -7.03 -20.45 -13.76
CA ALA B 108 -5.74 -20.24 -13.11
C ALA B 108 -4.76 -19.83 -14.20
N LYS B 109 -4.84 -20.46 -15.36
CA LYS B 109 -4.00 -20.08 -16.48
C LYS B 109 -4.22 -18.62 -16.85
N HIS B 110 -5.48 -18.21 -17.01
CA HIS B 110 -5.79 -16.78 -17.33
C HIS B 110 -5.16 -15.81 -16.35
N GLU B 111 -5.43 -16.05 -15.08
CA GLU B 111 -4.91 -15.17 -14.04
C GLU B 111 -3.39 -15.15 -14.03
N LEU B 112 -2.77 -16.31 -14.25
CA LEU B 112 -1.31 -16.33 -14.41
C LEU B 112 -0.89 -15.43 -15.58
N TYR B 113 -1.48 -15.62 -16.75
CA TYR B 113 -1.18 -14.75 -17.91
C TYR B 113 -1.43 -13.27 -17.66
N ALA B 114 -2.49 -12.95 -16.90
CA ALA B 114 -2.71 -11.55 -16.50
C ALA B 114 -1.52 -10.96 -15.73
N LEU B 115 -0.98 -11.75 -14.78
CA LEU B 115 0.18 -11.39 -13.99
C LEU B 115 1.45 -11.12 -14.80
N LEU B 116 1.75 -12.03 -15.73
CA LEU B 116 2.99 -11.97 -16.50
C LEU B 116 3.07 -10.90 -17.59
N ASP B 117 1.92 -10.31 -17.93
CA ASP B 117 1.87 -9.17 -18.88
C ASP B 117 2.08 -7.85 -18.15
N GLU B 118 2.41 -7.92 -16.87
CA GLU B 118 2.67 -6.73 -16.09
C GLU B 118 4.11 -6.34 -16.26
N ASP B 119 4.35 -5.07 -16.59
CA ASP B 119 5.72 -4.62 -16.82
C ASP B 119 6.54 -4.63 -15.52
N GLU B 120 5.89 -4.32 -14.40
CA GLU B 120 6.60 -4.32 -13.11
CA GLU B 120 6.52 -4.32 -13.08
C GLU B 120 7.11 -5.71 -12.72
N LEU B 121 6.61 -6.75 -13.40
CA LEU B 121 6.97 -8.15 -13.08
C LEU B 121 7.92 -8.84 -14.05
N ARG B 122 8.29 -8.14 -15.13
CA ARG B 122 9.11 -8.71 -16.20
C ARG B 122 10.41 -9.42 -15.80
N LYS B 123 11.06 -9.00 -14.71
CA LYS B 123 12.24 -9.74 -14.23
C LYS B 123 12.01 -10.69 -13.02
N SER B 124 10.77 -10.78 -12.54
CA SER B 124 10.48 -11.72 -11.43
C SER B 124 10.68 -13.16 -11.83
N LEU B 125 11.30 -13.96 -10.97
CA LEU B 125 11.33 -15.40 -11.12
C LEU B 125 9.93 -15.91 -10.93
N LEU B 126 9.58 -17.00 -11.62
CA LEU B 126 8.29 -17.63 -11.43
C LEU B 126 8.44 -19.06 -10.96
N LEU B 127 7.95 -19.33 -9.76
CA LEU B 127 7.93 -20.69 -9.20
C LEU B 127 6.49 -21.08 -9.19
N ILE B 128 6.15 -22.15 -9.90
CA ILE B 128 4.83 -22.68 -9.77
C ILE B 128 4.82 -23.85 -8.76
N PHE B 129 3.90 -23.82 -7.82
CA PHE B 129 3.61 -24.96 -6.98
C PHE B 129 2.35 -25.63 -7.50
N ALA B 130 2.55 -26.80 -8.11
CA ALA B 130 1.50 -27.68 -8.49
C ALA B 130 1.07 -28.36 -7.18
N ASN B 131 0.00 -27.89 -6.59
CA ASN B 131 -0.18 -28.13 -5.15
C ASN B 131 -1.16 -29.23 -4.84
N LYS B 132 -1.34 -29.56 -3.53
CA LYS B 132 -2.25 -30.64 -3.10
C LYS B 132 -1.94 -31.97 -3.80
N GLN B 133 -0.64 -32.23 -3.97
CA GLN B 133 -0.21 -33.47 -4.62
C GLN B 133 -0.41 -34.75 -3.78
N ASP B 134 -0.79 -34.59 -2.51
CA ASP B 134 -1.21 -35.72 -1.68
C ASP B 134 -2.50 -36.38 -2.16
N LEU B 135 -3.34 -35.63 -2.89
CA LEU B 135 -4.69 -36.10 -3.28
C LEU B 135 -4.62 -36.97 -4.53
N PRO B 136 -5.65 -37.82 -4.76
CA PRO B 136 -5.55 -38.88 -5.79
C PRO B 136 -5.78 -38.27 -7.16
N ASP B 137 -6.78 -37.40 -7.24
CA ASP B 137 -6.87 -36.47 -8.33
C ASP B 137 -5.79 -35.41 -8.10
N ALA B 138 -4.70 -35.52 -8.85
CA ALA B 138 -3.65 -34.53 -8.83
C ALA B 138 -2.95 -34.69 -10.16
N ALA B 139 -2.99 -33.67 -11.00
CA ALA B 139 -2.31 -33.74 -12.28
C ALA B 139 -0.77 -33.68 -12.08
N SER B 140 -0.03 -34.23 -13.06
CA SER B 140 1.44 -34.22 -13.05
C SER B 140 1.97 -32.86 -13.46
N GLU B 141 3.28 -32.68 -13.34
CA GLU B 141 3.96 -31.42 -13.71
C GLU B 141 3.75 -31.06 -15.15
N ALA B 142 3.70 -32.07 -16.02
CA ALA B 142 3.62 -31.83 -17.47
C ALA B 142 2.18 -31.54 -17.85
N GLU B 143 1.25 -32.02 -17.04
CA GLU B 143 -0.15 -31.75 -17.29
C GLU B 143 -0.42 -30.31 -16.84
N ILE B 144 0.14 -29.95 -15.67
CA ILE B 144 0.08 -28.56 -15.17
C ILE B 144 0.77 -27.57 -16.13
N ALA B 145 1.99 -27.88 -16.59
CA ALA B 145 2.69 -26.97 -17.52
C ALA B 145 1.93 -26.78 -18.83
N GLU B 146 1.36 -27.87 -19.31
CA GLU B 146 0.49 -27.83 -20.46
C GLU B 146 -0.76 -26.97 -20.18
N GLN B 147 -1.44 -27.24 -19.07
CA GLN B 147 -2.65 -26.50 -18.69
C GLN B 147 -2.39 -25.03 -18.42
N LEU B 148 -1.27 -24.73 -17.78
CA LEU B 148 -0.99 -23.34 -17.49
C LEU B 148 -0.29 -22.77 -18.69
N GLY B 149 -0.11 -23.60 -19.72
CA GLY B 149 0.61 -23.20 -20.92
C GLY B 149 1.90 -22.47 -20.63
N VAL B 150 2.75 -23.09 -19.80
CA VAL B 150 3.98 -22.43 -19.31
C VAL B 150 5.09 -22.72 -20.30
N SER B 151 4.86 -23.76 -21.07
CA SER B 151 5.87 -24.37 -21.83
C SER B 151 6.24 -23.57 -23.07
N SER B 152 5.70 -22.36 -23.17
CA SER B 152 6.11 -21.45 -24.20
C SER B 152 6.44 -20.08 -23.63
N ILE B 153 6.71 -20.03 -22.31
CA ILE B 153 7.21 -18.83 -21.60
C ILE B 153 8.74 -18.95 -21.63
N MET B 154 9.39 -18.08 -22.39
CA MET B 154 10.83 -18.25 -22.67
C MET B 154 11.52 -16.92 -22.54
N ASN B 155 10.87 -16.00 -21.83
CA ASN B 155 11.44 -14.69 -21.61
C ASN B 155 11.68 -14.42 -20.14
N ARG B 156 11.67 -15.51 -19.35
CA ARG B 156 11.71 -15.46 -17.90
C ARG B 156 12.12 -16.87 -17.30
N THR B 157 12.70 -16.86 -16.10
CA THR B 157 13.16 -18.06 -15.43
C THR B 157 12.04 -18.61 -14.56
N TRP B 158 11.63 -19.82 -14.90
CA TRP B 158 10.51 -20.47 -14.25
C TRP B 158 10.70 -21.96 -14.03
N THR B 159 9.97 -22.48 -13.05
CA THR B 159 9.85 -23.92 -12.88
C THR B 159 8.51 -24.34 -12.23
N ILE B 160 8.17 -25.61 -12.33
CA ILE B 160 7.08 -26.17 -11.56
C ILE B 160 7.66 -27.14 -10.56
N VAL B 161 7.12 -27.17 -9.34
CA VAL B 161 7.49 -28.15 -8.35
C VAL B 161 6.20 -28.65 -7.72
N LYS B 162 6.05 -29.99 -7.71
CA LYS B 162 4.96 -30.66 -7.04
C LYS B 162 5.03 -30.42 -5.57
N SER B 163 3.89 -30.05 -4.97
CA SER B 163 3.89 -29.62 -3.59
C SER B 163 2.63 -30.05 -2.86
N SER B 164 2.65 -29.91 -1.55
CA SER B 164 1.55 -30.33 -0.70
C SER B 164 1.79 -29.72 0.64
N SER B 165 0.85 -28.90 1.08
CA SER B 165 0.88 -28.51 2.49
C SER B 165 0.52 -29.63 3.49
N LYS B 166 -0.12 -30.71 3.04
CA LYS B 166 -0.47 -31.79 3.98
C LYS B 166 0.71 -32.65 4.34
N THR B 167 1.61 -32.92 3.37
CA THR B 167 2.96 -33.44 3.62
C THR B 167 3.92 -32.34 4.10
N GLY B 168 4.00 -31.25 3.32
CA GLY B 168 5.09 -30.28 3.44
C GLY B 168 6.06 -30.54 2.29
N ASP B 169 5.81 -31.62 1.56
CA ASP B 169 6.62 -31.99 0.41
C ASP B 169 6.64 -30.94 -0.74
N GLY B 170 7.82 -30.79 -1.40
CA GLY B 170 8.01 -29.84 -2.50
C GLY B 170 8.38 -28.43 -2.04
N LEU B 171 8.02 -28.08 -0.81
CA LEU B 171 8.02 -26.68 -0.42
C LEU B 171 9.38 -26.07 -0.29
N VAL B 172 10.30 -26.83 0.32
CA VAL B 172 11.71 -26.42 0.54
C VAL B 172 12.44 -26.53 -0.77
N GLU B 173 12.14 -27.58 -1.55
CA GLU B 173 12.74 -27.69 -2.86
C GLU B 173 12.40 -26.42 -3.63
N GLY B 174 11.12 -26.05 -3.61
CA GLY B 174 10.66 -24.87 -4.33
C GLY B 174 11.34 -23.63 -3.80
N MET B 175 11.52 -23.55 -2.49
CA MET B 175 12.16 -22.32 -1.99
C MET B 175 13.65 -22.31 -2.23
N ASP B 176 14.23 -23.51 -2.35
CA ASP B 176 15.62 -23.63 -2.65
C ASP B 176 15.91 -23.21 -4.10
N TRP B 177 15.09 -23.71 -5.01
CA TRP B 177 15.02 -23.15 -6.35
C TRP B 177 15.04 -21.65 -6.33
N LEU B 178 14.14 -21.03 -5.56
CA LEU B 178 14.04 -19.56 -5.57
C LEU B 178 15.30 -18.92 -5.02
N VAL B 179 15.78 -19.43 -3.90
CA VAL B 179 16.99 -18.88 -3.28
C VAL B 179 18.19 -18.94 -4.26
N GLU B 180 18.47 -20.11 -4.82
CA GLU B 180 19.61 -20.19 -5.73
C GLU B 180 19.41 -19.38 -7.03
N ARG B 181 18.18 -19.28 -7.54
CA ARG B 181 17.96 -18.39 -8.69
C ARG B 181 18.14 -16.94 -8.32
N LEU B 182 17.74 -16.57 -7.11
CA LEU B 182 17.92 -15.18 -6.63
C LEU B 182 19.41 -14.79 -6.52
N ARG B 183 20.23 -15.64 -5.90
CA ARG B 183 21.68 -15.43 -5.83
C ARG B 183 22.32 -15.36 -7.22
N GLU B 184 21.98 -16.31 -8.10
CA GLU B 184 22.46 -16.32 -9.49
C GLU B 184 22.08 -14.99 -10.18
N GLN B 185 20.82 -14.59 -9.98
CA GLN B 185 20.26 -13.28 -10.36
C GLN B 185 19.39 -13.39 -11.58
#